data_2R57
#
_entry.id   2R57
#
_cell.length_a   83.230
_cell.length_b   83.230
_cell.length_c   75.657
_cell.angle_alpha   90.00
_cell.angle_beta   90.00
_cell.angle_gamma   90.00
#
_symmetry.space_group_name_H-M   'P 43 21 2'
#
loop_
_entity.id
_entity.type
_entity.pdbx_description
1 polymer 'Polycomb protein Scm'
2 water water
#
_entity_poly.entity_id   1
_entity_poly.type   'polypeptide(L)'
_entity_poly.pdbx_seq_one_letter_code
;GAMAFDWDAYLEETGSEAAPAKCFKQAQNPPNNDFKIGMKLEALDPRNVTSTCIATVVGVLGSRLRLRLDGSDSQNDFWR
LVDSTEIHAIGHCEKNGGMLQPPLGFCMNASSWPGYLCKILNNAMVAPEEIFQPEPPEPEENLFKVGQKLEAVDKKNPQL
ICCATVDAIKDDQIHVTFDGWRGAFDYWCNYRSRDIFPAGWCARSCHPMQPPGHKSRMDSSSSKQRCPRPRYTVVAESEA
MVPASPATAHFHPNCKGGPFINNSK
;
_entity_poly.pdbx_strand_id   A
#
# COMPACT_ATOMS: atom_id res chain seq x y z
N ALA A 4 -14.70 -2.23 15.00
CA ALA A 4 -15.02 -1.06 14.16
C ALA A 4 -14.98 0.22 14.97
N PHE A 5 -14.09 1.13 14.56
CA PHE A 5 -13.86 2.39 15.25
C PHE A 5 -14.99 3.38 15.01
N ASP A 6 -15.52 3.94 16.10
CA ASP A 6 -16.63 4.89 16.01
C ASP A 6 -16.09 6.28 15.66
N TRP A 7 -15.91 6.50 14.36
CA TRP A 7 -15.42 7.77 13.85
C TRP A 7 -16.35 8.92 14.17
N ASP A 8 -17.67 8.70 14.05
CA ASP A 8 -18.67 9.74 14.26
C ASP A 8 -18.63 10.30 15.68
N ALA A 9 -18.50 9.40 16.66
CA ALA A 9 -18.38 9.78 18.06
C ALA A 9 -17.05 10.50 18.34
N TYR A 10 -16.00 10.04 17.67
CA TYR A 10 -14.65 10.60 17.84
C TYR A 10 -14.51 12.01 17.25
N LEU A 11 -15.08 12.21 16.06
CA LEU A 11 -15.10 13.53 15.41
C LEU A 11 -15.96 14.54 16.18
N GLU A 12 -16.99 14.04 16.86
CA GLU A 12 -17.84 14.89 17.68
C GLU A 12 -17.11 15.36 18.94
N GLU A 13 -16.39 14.47 19.60
CA GLU A 13 -15.73 14.79 20.87
C GLU A 13 -14.41 15.55 20.70
N THR A 14 -13.81 15.45 19.52
CA THR A 14 -12.60 16.20 19.22
C THR A 14 -12.93 17.49 18.48
N GLY A 15 -14.21 17.70 18.19
CA GLY A 15 -14.67 18.87 17.43
C GLY A 15 -13.96 18.97 16.11
N SER A 16 -13.96 17.85 15.37
CA SER A 16 -13.18 17.71 14.14
C SER A 16 -14.00 17.21 12.95
N GLU A 17 -13.47 17.47 11.75
CA GLU A 17 -14.02 16.96 10.50
C GLU A 17 -13.09 15.88 9.94
N ALA A 18 -13.69 14.89 9.27
CA ALA A 18 -12.93 13.95 8.47
C ALA A 18 -12.69 14.59 7.11
N ALA A 19 -11.48 14.41 6.56
CA ALA A 19 -11.20 14.85 5.20
C ALA A 19 -12.17 14.11 4.26
N PRO A 20 -12.85 14.86 3.36
CA PRO A 20 -13.79 14.24 2.43
C PRO A 20 -13.08 13.27 1.49
N ALA A 21 -13.82 12.26 1.05
CA ALA A 21 -13.32 11.21 0.16
C ALA A 21 -12.61 11.75 -1.09
N LYS A 22 -13.09 12.88 -1.61
CA LYS A 22 -12.51 13.52 -2.80
C LYS A 22 -11.04 13.96 -2.67
N CYS A 23 -10.54 14.07 -1.44
CA CYS A 23 -9.13 14.42 -1.19
C CYS A 23 -8.17 13.30 -1.56
N PHE A 24 -8.68 12.07 -1.58
CA PHE A 24 -7.86 10.86 -1.62
C PHE A 24 -7.78 10.23 -2.99
N LYS A 25 -6.61 9.72 -3.32
CA LYS A 25 -6.46 8.81 -4.45
C LYS A 25 -6.81 7.41 -3.96
N GLN A 26 -8.09 7.19 -3.71
CA GLN A 26 -8.63 5.88 -3.35
C GLN A 26 -9.96 5.76 -4.05
N ALA A 27 -10.35 4.51 -4.35
CA ALA A 27 -11.66 4.25 -4.98
C ALA A 27 -12.77 4.59 -3.99
N GLN A 28 -13.94 4.96 -4.53
CA GLN A 28 -15.10 5.29 -3.70
C GLN A 28 -15.44 4.16 -2.75
N ASN A 29 -15.45 2.94 -3.29
CA ASN A 29 -15.64 1.72 -2.52
C ASN A 29 -14.35 0.91 -2.52
N PRO A 30 -13.97 0.34 -1.36
CA PRO A 30 -12.74 -0.46 -1.32
C PRO A 30 -12.77 -1.58 -2.36
N PRO A 31 -11.71 -1.69 -3.19
CA PRO A 31 -11.68 -2.68 -4.25
C PRO A 31 -11.67 -4.11 -3.70
N ASN A 32 -12.39 -5.02 -4.35
CA ASN A 32 -12.42 -6.42 -3.94
C ASN A 32 -11.04 -7.05 -4.05
N ASN A 33 -10.70 -7.86 -3.05
CA ASN A 33 -9.41 -8.52 -3.01
C ASN A 33 -9.58 -10.01 -3.23
N ASP A 34 -9.24 -10.46 -4.44
CA ASP A 34 -9.37 -11.85 -4.84
C ASP A 34 -8.03 -12.59 -4.89
N PHE A 35 -6.99 -11.96 -4.39
CA PHE A 35 -5.66 -12.57 -4.35
C PHE A 35 -5.61 -13.65 -3.29
N LYS A 36 -4.84 -14.70 -3.55
CA LYS A 36 -4.65 -15.79 -2.59
C LYS A 36 -3.18 -15.89 -2.20
N ILE A 37 -2.94 -16.29 -0.95
CA ILE A 37 -1.59 -16.46 -0.44
C ILE A 37 -0.85 -17.47 -1.31
N GLY A 38 0.35 -17.11 -1.75
CA GLY A 38 1.12 -17.99 -2.63
C GLY A 38 1.16 -17.51 -4.07
N MET A 39 0.22 -16.63 -4.45
CA MET A 39 0.17 -16.11 -5.81
C MET A 39 1.39 -15.25 -6.08
N LYS A 40 1.98 -15.43 -7.25
CA LYS A 40 3.15 -14.64 -7.65
C LYS A 40 2.72 -13.54 -8.61
N LEU A 41 3.45 -12.43 -8.54
CA LEU A 41 3.19 -11.27 -9.37
C LEU A 41 4.48 -10.49 -9.56
N GLU A 42 4.38 -9.39 -10.29
CA GLU A 42 5.51 -8.48 -10.48
C GLU A 42 5.31 -7.20 -9.65
N ALA A 43 6.34 -6.81 -8.92
CA ALA A 43 6.30 -5.62 -8.08
C ALA A 43 7.61 -4.84 -8.17
N LEU A 44 7.53 -3.53 -8.03
CA LEU A 44 8.73 -2.71 -7.90
C LEU A 44 9.35 -3.04 -6.56
N ASP A 45 10.65 -3.29 -6.58
CA ASP A 45 11.42 -3.57 -5.38
C ASP A 45 11.50 -2.29 -4.52
N PRO A 46 10.91 -2.30 -3.31
CA PRO A 46 10.98 -1.07 -2.49
C PRO A 46 12.42 -0.61 -2.18
N ARG A 47 13.36 -1.55 -2.12
CA ARG A 47 14.77 -1.23 -1.87
C ARG A 47 15.54 -0.81 -3.14
N ASN A 48 14.92 -0.97 -4.31
CA ASN A 48 15.38 -0.31 -5.56
C ASN A 48 14.22 -0.21 -6.55
N VAL A 49 13.53 0.92 -6.53
CA VAL A 49 12.29 1.10 -7.29
C VAL A 49 12.47 1.17 -8.80
N THR A 50 13.72 1.13 -9.26
CA THR A 50 13.97 0.96 -10.70
C THR A 50 13.73 -0.49 -11.15
N SER A 51 13.82 -1.44 -10.20
CA SER A 51 13.70 -2.86 -10.49
C SER A 51 12.28 -3.39 -10.35
N THR A 52 11.85 -4.17 -11.35
CA THR A 52 10.64 -4.98 -11.26
C THR A 52 11.08 -6.41 -10.91
N CYS A 53 10.48 -6.94 -9.83
CA CYS A 53 10.85 -8.24 -9.29
C CYS A 53 9.63 -9.11 -9.11
N ILE A 54 9.88 -10.40 -9.01
CA ILE A 54 8.86 -11.37 -8.65
C ILE A 54 8.61 -11.28 -7.14
N ALA A 55 7.33 -11.09 -6.78
CA ALA A 55 6.86 -11.05 -5.40
C ALA A 55 5.79 -12.13 -5.22
N THR A 56 5.66 -12.62 -4.00
CA THR A 56 4.63 -13.59 -3.65
C THR A 56 3.71 -12.97 -2.60
N VAL A 57 2.41 -13.20 -2.74
CA VAL A 57 1.45 -12.82 -1.69
C VAL A 57 1.69 -13.72 -0.48
N VAL A 58 2.13 -13.13 0.64
CA VAL A 58 2.35 -13.90 1.86
C VAL A 58 1.28 -13.59 2.92
N GLY A 59 0.43 -12.62 2.62
CA GLY A 59 -0.70 -12.28 3.47
C GLY A 59 -1.69 -11.40 2.72
N VAL A 60 -2.93 -11.39 3.21
CA VAL A 60 -3.99 -10.56 2.65
C VAL A 60 -4.71 -9.91 3.83
N LEU A 61 -5.01 -8.62 3.72
CA LEU A 61 -5.76 -7.93 4.75
C LEU A 61 -6.59 -6.83 4.09
N GLY A 62 -7.91 -6.94 4.19
CA GLY A 62 -8.79 -6.02 3.48
C GLY A 62 -8.44 -5.94 2.00
N SER A 63 -8.28 -4.73 1.49
CA SER A 63 -7.93 -4.52 0.08
C SER A 63 -6.41 -4.52 -0.16
N ARG A 64 -5.65 -5.01 0.81
CA ARG A 64 -4.19 -4.98 0.74
C ARG A 64 -3.56 -6.36 0.63
N LEU A 65 -2.33 -6.37 0.09
CA LEU A 65 -1.51 -7.57 -0.01
C LEU A 65 -0.22 -7.33 0.77
N ARG A 66 0.18 -8.33 1.56
CA ARG A 66 1.51 -8.34 2.13
C ARG A 66 2.38 -9.11 1.15
N LEU A 67 3.46 -8.48 0.67
CA LEU A 67 4.29 -9.06 -0.38
C LEU A 67 5.70 -9.32 0.11
N ARG A 68 6.30 -10.38 -0.41
CA ARG A 68 7.69 -10.70 -0.13
C ARG A 68 8.36 -11.03 -1.46
N LEU A 69 9.55 -10.50 -1.71
CA LEU A 69 10.25 -10.78 -2.96
C LEU A 69 10.94 -12.13 -2.91
N ASP A 70 10.62 -12.95 -3.90
CA ASP A 70 11.22 -14.26 -4.05
C ASP A 70 12.76 -14.17 -4.05
N GLY A 71 13.38 -15.08 -3.31
CA GLY A 71 14.84 -15.13 -3.22
C GLY A 71 15.50 -14.07 -2.36
N SER A 72 14.71 -13.34 -1.58
CA SER A 72 15.27 -12.35 -0.66
C SER A 72 15.27 -12.84 0.80
N ASP A 73 14.55 -12.13 1.66
CA ASP A 73 14.51 -12.47 3.09
C ASP A 73 13.10 -12.21 3.61
N SER A 74 12.86 -12.58 4.86
CA SER A 74 11.51 -12.47 5.42
C SER A 74 11.33 -11.23 6.29
N GLN A 75 12.34 -10.35 6.27
CA GLN A 75 12.37 -9.19 7.15
C GLN A 75 12.02 -7.85 6.48
N ASN A 76 11.68 -7.89 5.20
CA ASN A 76 11.42 -6.66 4.45
C ASN A 76 10.12 -6.72 3.65
N ASP A 77 9.11 -7.39 4.20
CA ASP A 77 7.83 -7.52 3.51
C ASP A 77 7.22 -6.13 3.32
N PHE A 78 6.35 -5.98 2.33
CA PHE A 78 5.73 -4.69 2.08
C PHE A 78 4.27 -4.89 1.65
N TRP A 79 3.49 -3.84 1.81
CA TRP A 79 2.04 -3.88 1.66
C TRP A 79 1.63 -2.99 0.51
N ARG A 80 0.87 -3.57 -0.42
CA ARG A 80 0.33 -2.81 -1.56
C ARG A 80 -1.17 -3.10 -1.72
N LEU A 81 -1.93 -2.07 -2.07
CA LEU A 81 -3.33 -2.26 -2.42
C LEU A 81 -3.47 -3.04 -3.73
N VAL A 82 -4.58 -3.76 -3.88
CA VAL A 82 -4.86 -4.53 -5.10
C VAL A 82 -5.02 -3.65 -6.35
N ASP A 83 -5.19 -2.35 -6.12
CA ASP A 83 -5.27 -1.36 -7.21
C ASP A 83 -4.03 -0.44 -7.29
N SER A 84 -2.93 -0.89 -6.69
CA SER A 84 -1.63 -0.22 -6.81
C SER A 84 -1.07 -0.37 -8.23
N THR A 85 -0.45 0.69 -8.74
CA THR A 85 0.21 0.67 -10.06
C THR A 85 1.63 0.14 -10.00
N GLU A 86 2.06 -0.27 -8.81
CA GLU A 86 3.40 -0.82 -8.65
C GLU A 86 3.42 -2.34 -8.64
N ILE A 87 2.24 -2.94 -8.86
CA ILE A 87 2.11 -4.39 -8.97
C ILE A 87 1.41 -4.70 -10.28
N HIS A 88 1.80 -5.82 -10.90
CA HIS A 88 1.26 -6.26 -12.18
C HIS A 88 1.33 -7.77 -12.27
N ALA A 89 0.53 -8.35 -13.16
CA ALA A 89 0.61 -9.77 -13.50
C ALA A 89 1.95 -10.11 -14.13
N ILE A 90 2.42 -11.33 -13.88
CA ILE A 90 3.65 -11.81 -14.50
C ILE A 90 3.56 -11.72 -16.04
N GLY A 91 4.61 -11.19 -16.65
CA GLY A 91 4.65 -10.97 -18.10
C GLY A 91 4.46 -9.52 -18.48
N HIS A 92 3.98 -8.70 -17.53
CA HIS A 92 3.77 -7.28 -17.78
C HIS A 92 5.07 -6.55 -18.13
N CYS A 93 6.09 -6.75 -17.31
CA CYS A 93 7.42 -6.16 -17.52
C CYS A 93 7.96 -6.39 -18.93
N GLU A 94 8.01 -7.67 -19.33
CA GLU A 94 8.51 -8.11 -20.65
C GLU A 94 7.69 -7.55 -21.82
N LYS A 95 6.37 -7.68 -21.72
CA LYS A 95 5.43 -7.08 -22.67
C LYS A 95 5.74 -5.60 -22.93
N ASN A 96 6.23 -4.92 -21.90
CA ASN A 96 6.51 -3.48 -21.98
C ASN A 96 7.97 -3.10 -22.31
N GLY A 97 8.78 -4.10 -22.66
CA GLY A 97 10.16 -3.86 -23.09
C GLY A 97 11.22 -4.01 -22.01
N GLY A 98 10.81 -4.51 -20.84
CA GLY A 98 11.69 -4.60 -19.68
C GLY A 98 12.16 -6.00 -19.37
N MET A 99 13.07 -6.10 -18.39
CA MET A 99 13.61 -7.36 -17.91
C MET A 99 13.39 -7.46 -16.40
N LEU A 100 12.91 -8.60 -15.93
CA LEU A 100 12.82 -8.85 -14.49
C LEU A 100 14.21 -8.85 -13.83
N GLN A 101 14.29 -8.33 -12.62
CA GLN A 101 15.57 -8.18 -11.92
C GLN A 101 15.59 -8.96 -10.63
N PRO A 102 16.79 -9.38 -10.19
CA PRO A 102 16.91 -9.90 -8.83
C PRO A 102 16.57 -8.86 -7.77
N PRO A 103 15.99 -9.31 -6.64
CA PRO A 103 15.70 -8.36 -5.58
C PRO A 103 17.03 -7.84 -5.00
N LEU A 104 17.01 -6.64 -4.42
CA LEU A 104 18.23 -6.11 -3.80
C LEU A 104 18.78 -7.07 -2.75
N GLY A 105 17.88 -7.68 -1.97
CA GLY A 105 18.26 -8.60 -0.92
C GLY A 105 18.40 -10.04 -1.35
N PHE A 106 18.67 -10.28 -2.63
CA PHE A 106 18.81 -11.61 -3.20
C PHE A 106 19.82 -12.45 -2.39
N CYS A 107 19.47 -13.69 -2.09
CA CYS A 107 20.26 -14.51 -1.16
C CYS A 107 21.40 -15.30 -1.83
N MET A 108 21.44 -15.26 -3.17
CA MET A 108 22.49 -15.92 -3.95
C MET A 108 23.30 -14.86 -4.70
N ASN A 109 24.30 -15.27 -5.48
CA ASN A 109 25.07 -14.33 -6.29
C ASN A 109 24.38 -14.00 -7.61
N ALA A 110 24.66 -12.80 -8.12
CA ALA A 110 23.93 -12.21 -9.25
C ALA A 110 23.97 -13.01 -10.56
N SER A 111 25.03 -13.81 -10.75
CA SER A 111 25.16 -14.65 -11.96
C SER A 111 24.22 -15.86 -11.91
N SER A 112 23.83 -16.26 -10.70
CA SER A 112 22.89 -17.36 -10.48
C SER A 112 21.43 -16.94 -10.65
N TRP A 113 21.22 -15.70 -11.11
CA TRP A 113 19.88 -15.14 -11.24
C TRP A 113 18.98 -15.70 -12.36
N PRO A 114 19.47 -15.71 -13.63
CA PRO A 114 18.64 -16.22 -14.74
C PRO A 114 18.04 -17.60 -14.49
N GLY A 115 18.85 -18.53 -13.96
CA GLY A 115 18.40 -19.87 -13.63
C GLY A 115 17.41 -19.88 -12.49
N TYR A 116 17.60 -18.98 -11.52
CA TYR A 116 16.73 -18.87 -10.35
C TYR A 116 15.30 -18.55 -10.77
N LEU A 117 15.17 -17.57 -11.66
CA LEU A 117 13.88 -17.09 -12.16
C LEU A 117 13.09 -18.20 -12.84
N CYS A 118 13.77 -19.01 -13.65
CA CYS A 118 13.14 -20.16 -14.29
C CYS A 118 12.60 -21.15 -13.25
N LYS A 119 13.39 -21.40 -12.21
CA LYS A 119 12.98 -22.34 -11.14
C LYS A 119 11.75 -21.87 -10.34
N ILE A 120 11.72 -20.60 -9.96
CA ILE A 120 10.62 -20.09 -9.13
C ILE A 120 9.33 -19.90 -9.91
N LEU A 121 9.44 -19.59 -11.20
CA LEU A 121 8.25 -19.38 -12.04
C LEU A 121 7.65 -20.68 -12.55
N ASN A 122 8.42 -21.77 -12.43
CA ASN A 122 8.02 -23.07 -12.91
C ASN A 122 6.87 -23.63 -12.10
N ASN A 123 5.76 -23.96 -12.80
CA ASN A 123 4.48 -24.36 -12.20
C ASN A 123 4.04 -23.50 -11.00
N ALA A 124 4.36 -22.22 -11.06
CA ALA A 124 4.03 -21.27 -10.00
C ALA A 124 2.55 -20.91 -10.00
N MET A 125 2.00 -20.69 -8.80
CA MET A 125 0.70 -20.06 -8.64
C MET A 125 0.87 -18.60 -9.04
N VAL A 126 0.16 -18.18 -10.09
CA VAL A 126 0.26 -16.79 -10.56
C VAL A 126 -1.08 -16.08 -10.43
N ALA A 127 -1.03 -14.84 -9.98
CA ALA A 127 -2.21 -13.97 -9.97
C ALA A 127 -2.59 -13.63 -11.42
N PRO A 128 -3.83 -13.99 -11.81
CA PRO A 128 -4.28 -13.64 -13.17
C PRO A 128 -4.50 -12.14 -13.28
N GLU A 129 -4.36 -11.60 -14.48
CA GLU A 129 -4.41 -10.16 -14.67
C GLU A 129 -5.75 -9.54 -14.28
N GLU A 130 -6.82 -10.34 -14.35
CA GLU A 130 -8.18 -9.86 -14.10
C GLU A 130 -8.50 -9.50 -12.63
N ILE A 131 -7.68 -9.97 -11.69
CA ILE A 131 -7.93 -9.66 -10.27
C ILE A 131 -7.18 -8.41 -9.79
N PHE A 132 -6.32 -7.88 -10.66
CA PHE A 132 -5.69 -6.58 -10.44
C PHE A 132 -6.71 -5.48 -10.72
N GLN A 133 -6.90 -4.59 -9.75
CA GLN A 133 -7.97 -3.59 -9.83
C GLN A 133 -7.50 -2.29 -10.48
N PRO A 134 -8.41 -1.58 -11.19
CA PRO A 134 -8.03 -0.34 -11.86
C PRO A 134 -7.57 0.74 -10.89
N GLU A 135 -6.58 1.53 -11.30
CA GLU A 135 -6.01 2.60 -10.50
C GLU A 135 -7.07 3.70 -10.28
N PRO A 136 -7.36 4.04 -9.01
CA PRO A 136 -8.38 5.05 -8.72
C PRO A 136 -8.05 6.41 -9.35
N PRO A 137 -9.11 7.20 -9.67
CA PRO A 137 -8.89 8.55 -10.17
C PRO A 137 -8.19 9.39 -9.10
N GLU A 138 -7.26 10.24 -9.52
CA GLU A 138 -6.60 11.11 -8.56
C GLU A 138 -7.20 12.52 -8.52
N PRO A 139 -7.22 13.13 -7.32
CA PRO A 139 -7.54 14.55 -7.19
C PRO A 139 -6.62 15.42 -8.05
N GLU A 140 -7.19 16.47 -8.64
CA GLU A 140 -6.45 17.41 -9.49
C GLU A 140 -5.57 18.37 -8.68
N GLU A 141 -5.93 18.57 -7.39
CA GLU A 141 -5.14 19.42 -6.50
C GLU A 141 -5.18 18.91 -5.04
N ASN A 142 -4.38 19.52 -4.18
CA ASN A 142 -4.39 19.23 -2.75
C ASN A 142 -5.65 19.84 -2.12
N LEU A 143 -6.62 19.00 -1.81
CA LEU A 143 -7.92 19.41 -1.27
C LEU A 143 -7.99 19.27 0.26
N PHE A 144 -6.95 18.68 0.85
CA PHE A 144 -6.87 18.52 2.30
C PHE A 144 -6.78 19.88 2.97
N LYS A 145 -7.31 19.97 4.18
CA LYS A 145 -7.20 21.17 5.01
C LYS A 145 -6.71 20.79 6.41
N VAL A 146 -5.90 21.66 7.00
CA VAL A 146 -5.34 21.45 8.33
C VAL A 146 -6.45 21.19 9.36
N GLY A 147 -6.24 20.15 10.18
CA GLY A 147 -7.19 19.77 11.22
C GLY A 147 -8.03 18.55 10.86
N GLN A 148 -8.07 18.20 9.58
CA GLN A 148 -8.89 17.08 9.09
C GLN A 148 -8.34 15.73 9.47
N LYS A 149 -9.23 14.80 9.81
CA LYS A 149 -8.84 13.47 10.22
C LYS A 149 -9.00 12.46 9.07
N LEU A 150 -8.24 11.37 9.17
CA LEU A 150 -8.20 10.34 8.13
C LEU A 150 -7.62 9.07 8.71
N GLU A 151 -7.56 8.03 7.90
CA GLU A 151 -6.89 6.79 8.24
C GLU A 151 -5.55 6.70 7.48
N ALA A 152 -4.47 6.40 8.21
CA ALA A 152 -3.14 6.37 7.61
C ALA A 152 -2.35 5.14 8.01
N VAL A 153 -1.61 4.59 7.05
CA VAL A 153 -0.67 3.51 7.31
C VAL A 153 0.47 4.01 8.21
N ASP A 154 0.78 3.24 9.24
CA ASP A 154 1.97 3.52 10.04
C ASP A 154 3.15 2.96 9.23
N LYS A 155 3.95 3.83 8.65
CA LYS A 155 5.04 3.41 7.75
C LYS A 155 6.16 2.66 8.45
N LYS A 156 6.20 2.74 9.78
CA LYS A 156 7.18 1.99 10.58
C LYS A 156 6.67 0.60 10.96
N ASN A 157 5.35 0.42 10.88
CA ASN A 157 4.67 -0.85 11.15
C ASN A 157 3.53 -0.96 10.12
N PRO A 158 3.86 -1.13 8.83
CA PRO A 158 2.85 -0.91 7.78
C PRO A 158 1.63 -1.85 7.76
N GLN A 159 1.62 -2.90 8.57
CA GLN A 159 0.41 -3.72 8.76
C GLN A 159 -0.72 -2.88 9.37
N LEU A 160 -0.35 -1.87 10.14
CA LEU A 160 -1.30 -1.05 10.88
C LEU A 160 -1.74 0.17 10.10
N ILE A 161 -3.05 0.41 10.14
CA ILE A 161 -3.62 1.66 9.63
C ILE A 161 -4.32 2.29 10.83
N CYS A 162 -4.02 3.57 11.05
CA CYS A 162 -4.33 4.24 12.30
C CYS A 162 -5.04 5.57 12.12
N CYS A 163 -5.76 5.95 13.17
CA CYS A 163 -6.37 7.25 13.32
C CYS A 163 -5.29 8.35 13.22
N ALA A 164 -5.49 9.31 12.31
CA ALA A 164 -4.50 10.38 12.09
C ALA A 164 -5.14 11.74 11.75
N THR A 165 -4.34 12.79 11.85
CA THR A 165 -4.79 14.16 11.56
C THR A 165 -3.80 14.86 10.65
N VAL A 166 -4.31 15.65 9.71
CA VAL A 166 -3.48 16.52 8.90
C VAL A 166 -3.06 17.73 9.74
N ASP A 167 -1.77 17.80 10.00
CA ASP A 167 -1.15 18.75 10.92
C ASP A 167 -0.78 20.05 10.22
N ALA A 168 -0.37 19.93 8.97
CA ALA A 168 0.22 21.04 8.21
C ALA A 168 0.17 20.70 6.73
N ILE A 169 0.23 21.72 5.89
CA ILE A 169 0.21 21.54 4.43
C ILE A 169 1.24 22.44 3.77
N LYS A 170 2.06 21.86 2.88
CA LYS A 170 2.96 22.61 2.00
C LYS A 170 2.77 22.12 0.57
N ASP A 171 2.03 22.89 -0.23
CA ASP A 171 1.74 22.59 -1.64
C ASP A 171 1.07 21.21 -1.81
N ASP A 172 1.76 20.26 -2.44
CA ASP A 172 1.22 18.93 -2.67
C ASP A 172 1.49 17.95 -1.52
N GLN A 173 2.20 18.42 -0.49
CA GLN A 173 2.51 17.59 0.66
C GLN A 173 1.61 17.88 1.86
N ILE A 174 1.14 16.82 2.52
CA ILE A 174 0.41 16.93 3.78
C ILE A 174 1.22 16.29 4.91
N HIS A 175 1.12 16.87 6.11
CA HIS A 175 1.79 16.29 7.28
C HIS A 175 0.82 15.51 8.13
N VAL A 176 1.07 14.19 8.19
CA VAL A 176 0.22 13.24 8.87
C VAL A 176 0.75 13.01 10.29
N THR A 177 -0.09 13.30 11.29
CA THR A 177 0.24 13.00 12.68
C THR A 177 -0.74 11.99 13.26
N PHE A 178 -0.22 11.04 14.03
CA PHE A 178 -1.02 9.97 14.59
C PHE A 178 -1.53 10.32 15.98
N ASP A 179 -2.86 10.41 16.10
CA ASP A 179 -3.53 10.80 17.34
C ASP A 179 -3.13 9.89 18.49
N GLY A 180 -2.75 10.49 19.62
CA GLY A 180 -2.38 9.75 20.83
C GLY A 180 -0.93 9.26 20.86
N TRP A 181 -0.19 9.52 19.79
CA TRP A 181 1.23 9.20 19.71
C TRP A 181 2.00 10.48 19.45
N ARG A 182 2.70 10.98 20.46
CA ARG A 182 3.33 12.30 20.43
C ARG A 182 4.46 12.40 19.38
N GLY A 183 4.04 12.64 18.12
CA GLY A 183 4.94 12.81 16.98
C GLY A 183 6.01 11.77 16.68
N ALA A 184 5.91 10.61 17.33
CA ALA A 184 6.94 9.56 17.20
C ALA A 184 7.04 9.01 15.77
N PHE A 185 5.89 8.75 15.14
CA PHE A 185 5.87 8.25 13.77
C PHE A 185 4.95 9.08 12.86
N ASP A 186 5.15 10.40 12.88
CA ASP A 186 4.51 11.28 11.91
C ASP A 186 5.30 11.25 10.62
N TYR A 187 4.69 11.70 9.53
CA TYR A 187 5.38 11.86 8.26
C TYR A 187 4.72 12.83 7.30
N TRP A 188 5.52 13.36 6.39
CA TRP A 188 5.01 14.09 5.24
C TRP A 188 4.78 13.10 4.11
N CYS A 189 3.69 13.30 3.38
CA CYS A 189 3.44 12.52 2.17
C CYS A 189 2.71 13.37 1.15
N ASN A 190 2.82 12.98 -0.11
CA ASN A 190 2.06 13.60 -1.17
C ASN A 190 0.58 13.34 -0.95
N TYR A 191 -0.28 14.27 -1.37
CA TYR A 191 -1.72 14.09 -1.23
C TYR A 191 -2.26 12.92 -2.07
N ARG A 192 -1.47 12.51 -3.06
CA ARG A 192 -1.80 11.37 -3.93
C ARG A 192 -1.44 10.01 -3.29
N SER A 193 -0.84 10.04 -2.11
CA SER A 193 -0.40 8.82 -1.42
C SER A 193 -1.46 7.71 -1.40
N ARG A 194 -1.03 6.48 -1.68
CA ARG A 194 -1.91 5.33 -1.55
C ARG A 194 -2.00 4.83 -0.11
N ASP A 195 -1.20 5.43 0.78
CA ASP A 195 -1.11 5.03 2.20
C ASP A 195 -2.07 5.80 3.11
N ILE A 196 -2.93 6.61 2.51
CA ILE A 196 -3.93 7.37 3.26
C ILE A 196 -5.35 7.10 2.74
N PHE A 197 -6.31 7.08 3.65
CA PHE A 197 -7.69 6.67 3.36
C PHE A 197 -8.70 7.54 4.11
N PRO A 198 -9.91 7.72 3.54
CA PRO A 198 -10.90 8.50 4.28
C PRO A 198 -11.40 7.74 5.50
N ALA A 199 -11.86 8.46 6.52
CA ALA A 199 -12.40 7.84 7.72
C ALA A 199 -13.54 6.89 7.37
N GLY A 200 -13.50 5.68 7.90
CA GLY A 200 -14.52 4.67 7.63
C GLY A 200 -14.12 3.66 6.55
N TRP A 201 -13.04 3.96 5.84
CA TRP A 201 -12.56 3.11 4.73
C TRP A 201 -12.17 1.70 5.19
N CYS A 202 -11.40 1.63 6.28
CA CYS A 202 -10.97 0.33 6.84
C CYS A 202 -12.14 -0.57 7.24
N ALA A 203 -13.11 -0.01 7.95
CA ALA A 203 -14.30 -0.76 8.36
C ALA A 203 -15.04 -1.30 7.13
N ARG A 204 -15.06 -0.48 6.08
CA ARG A 204 -15.72 -0.81 4.82
C ARG A 204 -14.96 -1.86 4.01
N SER A 205 -13.66 -2.02 4.29
CA SER A 205 -12.82 -2.95 3.56
C SER A 205 -12.42 -4.18 4.38
N CYS A 206 -12.92 -4.27 5.61
CA CYS A 206 -12.57 -5.33 6.56
C CYS A 206 -11.09 -5.33 6.92
N HIS A 207 -10.55 -4.14 7.13
CA HIS A 207 -9.19 -3.96 7.57
C HIS A 207 -9.28 -3.37 8.98
N PRO A 208 -8.50 -3.90 9.93
CA PRO A 208 -8.44 -3.34 11.28
C PRO A 208 -8.00 -1.87 11.25
N MET A 209 -8.54 -1.09 12.18
CA MET A 209 -8.25 0.34 12.24
C MET A 209 -7.91 0.68 13.69
N GLN A 210 -6.69 1.17 13.90
CA GLN A 210 -6.20 1.46 15.24
C GLN A 210 -6.73 2.78 15.79
N PRO A 211 -7.35 2.74 16.99
CA PRO A 211 -7.76 3.95 17.71
C PRO A 211 -6.55 4.76 18.17
N PRO A 212 -6.76 6.03 18.61
CA PRO A 212 -5.64 6.84 19.11
C PRO A 212 -4.79 6.13 20.16
N GLY A 213 -3.51 6.51 20.25
CA GLY A 213 -2.60 5.96 21.25
C GLY A 213 -3.03 6.25 22.69
#